data_5D4R
#
_entry.id   5D4R
#
_cell.length_a   134.081
_cell.length_b   42.433
_cell.length_c   67.232
_cell.angle_alpha   90.00
_cell.angle_beta   114.82
_cell.angle_gamma   90.00
#
_symmetry.space_group_name_H-M   'C 1 2 1'
#
loop_
_entity.id
_entity.type
_entity.pdbx_description
1 polymer 'Arabinose metabolism transcriptional repressor'
2 polymer "DNA (5'-D(*TP*AP*TP*AP*AP*TP*TP*AP*GP*TP*AP*CP*GP*TP*AP*CP*AP*AP*AP*TP*A)-3')"
3 polymer "DNA (5'-D(*AP*TP*AP*TP*TP*TP*GP*TP*AP*CP*GP*TP*AP*CP*TP*AP*AP*TP*TP*AP*T)-3')"
4 water water
#
loop_
_entity_poly.entity_id
_entity_poly.type
_entity_poly.pdbx_seq_one_letter_code
_entity_poly.pdbx_strand_id
1 'polypeptide(L)'
;MHHHHHHLEVLFQGPLGSEFMLPKYAQVKEEISSWINQGKILPDQKIPTENELMQQFGVSRHTIRKAIGDLVSQGLLYSV
QGGGTFVA
;
A,B
2 'polydeoxyribonucleotide'
;(DT)(DA)(DT)(DA)(DA)(DT)(DT)(DA)(DG)(DT)(DA)(DC)(DG)(DT)(DA)(DC)(DA)(DA)(DA)(DT)
(DA)
;
T
3 'polydeoxyribonucleotide'
;(DA)(DT)(DA)(DT)(DT)(DT)(DG)(DT)(DA)(DC)(DG)(DT)(DA)(DC)(DT)(DA)(DA)(DT)(DT)(DA)
(DT)
;
U
#
# COMPACT_ATOMS: atom_id res chain seq x y z
N HIS A 7 -1.08 -13.34 -21.72
CA HIS A 7 -0.15 -12.54 -22.52
C HIS A 7 0.24 -11.22 -21.80
N LEU A 8 0.61 -10.18 -22.55
CA LEU A 8 1.34 -9.02 -21.99
C LEU A 8 0.58 -7.67 -21.98
N GLU A 9 0.76 -6.91 -20.91
CA GLU A 9 0.19 -5.56 -20.86
C GLU A 9 1.28 -4.51 -20.72
N VAL A 10 1.15 -3.42 -21.49
CA VAL A 10 2.17 -2.39 -21.46
C VAL A 10 1.97 -1.36 -20.32
N LEU A 11 2.92 -1.29 -19.41
CA LEU A 11 2.99 -0.12 -18.55
C LEU A 11 3.92 0.82 -19.26
N PHE A 12 3.41 1.92 -19.76
CA PHE A 12 4.22 2.58 -20.75
C PHE A 12 5.35 3.39 -20.11
N GLN A 13 6.47 3.40 -20.83
CA GLN A 13 7.79 3.76 -20.30
C GLN A 13 7.81 5.23 -19.86
N GLY A 14 8.47 5.51 -18.74
CA GLY A 14 8.24 6.74 -17.97
C GLY A 14 9.06 8.01 -18.14
N PRO A 15 8.49 9.15 -17.69
CA PRO A 15 9.02 10.51 -17.83
C PRO A 15 9.50 11.15 -16.53
N LEU A 16 9.79 12.44 -16.62
CA LEU A 16 10.19 13.25 -15.49
C LEU A 16 9.66 14.67 -15.75
N GLY A 17 9.02 14.85 -16.91
CA GLY A 17 8.41 16.12 -17.27
C GLY A 17 7.25 16.40 -18.22
N SER A 18 6.49 15.37 -18.56
CA SER A 18 5.38 15.50 -19.51
C SER A 18 3.93 15.31 -19.11
N GLU A 19 3.36 16.28 -18.39
CA GLU A 19 2.08 16.13 -17.67
C GLU A 19 1.93 14.78 -17.03
N PHE A 20 2.78 14.55 -16.03
CA PHE A 20 3.30 13.23 -15.71
C PHE A 20 2.48 11.96 -15.82
N MET A 21 3.13 10.94 -16.37
CA MET A 21 2.66 9.58 -16.33
C MET A 21 2.44 9.17 -14.89
N LEU A 22 1.50 8.27 -14.69
CA LEU A 22 1.37 7.63 -13.41
C LEU A 22 2.59 6.78 -13.13
N PRO A 23 2.92 6.61 -11.85
CA PRO A 23 3.87 5.58 -11.44
C PRO A 23 3.39 4.22 -11.95
N LYS A 24 4.30 3.28 -12.16
CA LYS A 24 3.95 1.95 -12.61
C LYS A 24 2.91 1.27 -11.72
N TYR A 25 3.02 1.41 -10.40
CA TYR A 25 2.03 0.75 -9.54
C TYR A 25 0.65 1.34 -9.84
N ALA A 26 0.60 2.62 -10.20
CA ALA A 26 -0.69 3.27 -10.41
C ALA A 26 -1.29 2.85 -11.75
N GLN A 27 -0.41 2.62 -12.73
CA GLN A 27 -0.85 2.12 -14.03
C GLN A 27 -1.42 0.70 -13.83
N VAL A 28 -0.73 -0.11 -13.03
CA VAL A 28 -1.24 -1.46 -12.76
C VAL A 28 -2.60 -1.40 -12.06
N LYS A 29 -2.70 -0.52 -11.06
CA LYS A 29 -3.97 -0.26 -10.39
C LYS A 29 -5.09 0.04 -11.37
N GLU A 30 -4.86 1.00 -12.27
CA GLU A 30 -5.86 1.36 -13.26
C GLU A 30 -6.26 0.19 -14.14
N GLU A 31 -5.29 -0.59 -14.58
CA GLU A 31 -5.59 -1.72 -15.45
C GLU A 31 -6.47 -2.76 -14.75
N ILE A 32 -6.02 -3.21 -13.58
CA ILE A 32 -6.78 -4.22 -12.84
C ILE A 32 -8.19 -3.69 -12.53
N SER A 33 -8.25 -2.42 -12.11
CA SER A 33 -9.52 -1.78 -11.82
C SER A 33 -10.39 -1.81 -13.05
N SER A 34 -9.75 -1.72 -14.21
CA SER A 34 -10.46 -1.70 -15.47
C SER A 34 -11.07 -3.07 -15.71
N TRP A 35 -10.30 -4.11 -15.39
CA TRP A 35 -10.79 -5.49 -15.53
C TRP A 35 -12.08 -5.68 -14.73
N ILE A 36 -12.04 -5.23 -13.48
CA ILE A 36 -13.23 -5.32 -12.65
C ILE A 36 -14.40 -4.51 -13.18
N ASN A 37 -14.13 -3.24 -13.49
CA ASN A 37 -15.18 -2.34 -13.94
C ASN A 37 -15.80 -2.75 -15.27
N GLN A 38 -15.02 -3.40 -16.13
CA GLN A 38 -15.55 -3.86 -17.40
C GLN A 38 -16.12 -5.27 -17.29
N GLY A 39 -16.15 -5.80 -16.07
CA GLY A 39 -16.74 -7.10 -15.83
C GLY A 39 -15.97 -8.26 -16.42
N LYS A 40 -14.67 -8.06 -16.63
CA LYS A 40 -13.82 -9.14 -17.10
C LYS A 40 -13.52 -10.10 -15.94
N ILE A 41 -13.63 -9.58 -14.71
CA ILE A 41 -13.57 -10.41 -13.50
C ILE A 41 -14.78 -10.15 -12.62
N LEU A 42 -15.44 -11.21 -12.15
CA LEU A 42 -16.66 -11.12 -11.35
C LEU A 42 -16.39 -11.25 -9.84
N PRO A 43 -17.35 -10.80 -9.01
CA PRO A 43 -17.14 -10.95 -7.56
C PRO A 43 -16.83 -12.38 -7.17
N ASP A 44 -15.81 -12.53 -6.33
CA ASP A 44 -15.35 -13.81 -5.80
C ASP A 44 -14.63 -14.66 -6.85
N GLN A 45 -14.38 -14.08 -8.03
CA GLN A 45 -13.50 -14.75 -8.99
C GLN A 45 -12.06 -14.30 -8.76
N LYS A 46 -11.12 -15.20 -8.98
CA LYS A 46 -9.72 -14.97 -8.67
C LYS A 46 -9.00 -14.18 -9.77
N ILE A 47 -8.18 -13.19 -9.38
CA ILE A 47 -7.37 -12.50 -10.39
C ILE A 47 -6.10 -13.32 -10.60
N PRO A 48 -5.28 -12.98 -11.61
CA PRO A 48 -4.06 -13.78 -11.75
C PRO A 48 -3.13 -13.72 -10.53
N THR A 49 -2.25 -14.71 -10.41
CA THR A 49 -1.28 -14.71 -9.32
C THR A 49 -0.32 -13.53 -9.39
N GLU A 50 0.36 -13.27 -8.28
CA GLU A 50 1.32 -12.19 -8.23
C GLU A 50 2.42 -12.44 -9.27
N ASN A 51 2.94 -13.67 -9.33
CA ASN A 51 3.88 -14.08 -10.38
C ASN A 51 3.39 -13.82 -11.81
N GLU A 52 2.14 -14.22 -12.09
CA GLU A 52 1.56 -13.97 -13.40
C GLU A 52 1.51 -12.47 -13.70
N LEU A 53 1.15 -11.68 -12.69
CA LEU A 53 1.03 -10.23 -12.86
C LEU A 53 2.38 -9.56 -13.10
N MET A 54 3.37 -9.99 -12.31
CA MET A 54 4.75 -9.58 -12.50
C MET A 54 5.17 -9.79 -13.93
N GLN A 55 4.89 -10.98 -14.43
CA GLN A 55 5.27 -11.38 -15.79
C GLN A 55 4.54 -10.54 -16.83
N GLN A 56 3.24 -10.43 -16.69
CA GLN A 56 2.43 -9.89 -17.77
C GLN A 56 2.49 -8.36 -17.82
N PHE A 57 2.76 -7.74 -16.68
CA PHE A 57 2.94 -6.28 -16.62
C PHE A 57 4.40 -5.87 -16.69
N GLY A 58 5.29 -6.85 -16.55
CA GLY A 58 6.71 -6.60 -16.65
C GLY A 58 7.24 -5.75 -15.51
N VAL A 59 6.74 -5.99 -14.29
CA VAL A 59 7.19 -5.25 -13.11
C VAL A 59 7.49 -6.17 -11.92
N SER A 60 8.06 -5.58 -10.87
CA SER A 60 8.47 -6.35 -9.70
C SER A 60 7.27 -6.84 -8.89
N ARG A 61 7.49 -7.89 -8.10
CA ARG A 61 6.47 -8.32 -7.14
C ARG A 61 6.10 -7.16 -6.21
N HIS A 62 7.10 -6.39 -5.76
CA HIS A 62 6.85 -5.22 -4.93
C HIS A 62 5.78 -4.29 -5.56
N THR A 63 5.95 -3.99 -6.84
CA THR A 63 5.03 -3.08 -7.54
C THR A 63 3.61 -3.66 -7.62
N ILE A 64 3.54 -4.96 -7.93
CA ILE A 64 2.26 -5.67 -7.95
C ILE A 64 1.58 -5.60 -6.58
N ARG A 65 2.35 -5.84 -5.53
CA ARG A 65 1.77 -5.85 -4.19
C ARG A 65 1.32 -4.44 -3.79
N LYS A 66 2.06 -3.43 -4.20
CA LYS A 66 1.64 -2.05 -3.94
C LYS A 66 0.27 -1.80 -4.59
N ALA A 67 0.14 -2.13 -5.87
CA ALA A 67 -1.12 -1.95 -6.58
C ALA A 67 -2.30 -2.73 -5.94
N ILE A 68 -2.07 -4.00 -5.68
CA ILE A 68 -3.12 -4.84 -5.14
C ILE A 68 -3.48 -4.40 -3.73
N GLY A 69 -2.49 -4.05 -2.93
CA GLY A 69 -2.71 -3.55 -1.58
C GLY A 69 -3.60 -2.33 -1.58
N ASP A 70 -3.36 -1.44 -2.55
CA ASP A 70 -4.19 -0.27 -2.66
C ASP A 70 -5.62 -0.64 -3.01
N LEU A 71 -5.78 -1.55 -3.97
CA LEU A 71 -7.12 -1.96 -4.38
C LEU A 71 -7.89 -2.73 -3.28
N VAL A 72 -7.16 -3.50 -2.48
CA VAL A 72 -7.77 -4.17 -1.32
C VAL A 72 -8.23 -3.10 -0.32
N SER A 73 -7.39 -2.11 -0.07
CA SER A 73 -7.79 -1.06 0.86
C SER A 73 -8.97 -0.26 0.31
N GLN A 74 -9.10 -0.17 -1.01
CA GLN A 74 -10.25 0.50 -1.59
C GLN A 74 -11.50 -0.38 -1.54
N GLY A 75 -11.30 -1.67 -1.33
CA GLY A 75 -12.42 -2.59 -1.18
C GLY A 75 -12.96 -3.26 -2.43
N LEU A 76 -12.22 -3.26 -3.53
CA LEU A 76 -12.71 -4.02 -4.69
C LEU A 76 -11.92 -5.30 -4.92
N LEU A 77 -10.95 -5.56 -4.06
CA LEU A 77 -10.27 -6.85 -4.03
C LEU A 77 -10.15 -7.34 -2.60
N TYR A 78 -10.10 -8.66 -2.42
CA TYR A 78 -9.69 -9.20 -1.13
C TYR A 78 -8.72 -10.34 -1.33
N SER A 79 -7.91 -10.63 -0.31
CA SER A 79 -6.85 -11.61 -0.45
C SER A 79 -6.95 -12.70 0.60
N VAL A 80 -6.46 -13.87 0.24
CA VAL A 80 -6.37 -14.99 1.16
C VAL A 80 -4.98 -15.59 0.96
N GLN A 81 -4.21 -15.57 2.04
CA GLN A 81 -2.83 -16.10 2.06
C GLN A 81 -2.83 -17.54 1.58
N GLY A 82 -2.07 -17.83 0.53
CA GLY A 82 -1.99 -19.18 0.00
C GLY A 82 -3.14 -19.54 -0.92
N GLY A 83 -4.12 -18.64 -1.00
CA GLY A 83 -5.30 -18.89 -1.80
C GLY A 83 -5.24 -18.06 -3.07
N GLY A 84 -5.39 -16.75 -2.92
CA GLY A 84 -5.44 -15.89 -4.07
C GLY A 84 -5.93 -14.49 -3.73
N THR A 85 -6.22 -13.73 -4.77
CA THR A 85 -6.81 -12.43 -4.65
C THR A 85 -8.03 -12.42 -5.56
N PHE A 86 -9.14 -11.92 -5.05
CA PHE A 86 -10.45 -12.03 -5.68
C PHE A 86 -11.16 -10.68 -5.80
N VAL A 87 -12.03 -10.53 -6.80
CA VAL A 87 -12.89 -9.34 -6.89
C VAL A 87 -13.86 -9.35 -5.71
N ALA A 88 -13.94 -8.22 -5.03
CA ALA A 88 -14.89 -8.06 -3.93
C ALA A 88 -16.31 -7.98 -4.50
N SER B 18 1.95 -16.48 20.88
CA SER B 18 1.13 -16.93 19.77
C SER B 18 -0.20 -16.20 19.75
N GLU B 19 -1.01 -16.41 20.78
CA GLU B 19 -2.25 -15.65 20.93
C GLU B 19 -1.98 -14.13 20.97
N PHE B 20 -0.78 -13.76 21.39
CA PHE B 20 -0.42 -12.36 21.56
C PHE B 20 0.48 -11.85 20.43
N MET B 21 0.89 -12.75 19.54
CA MET B 21 1.83 -12.33 18.52
C MET B 21 1.17 -11.42 17.49
N LEU B 22 1.91 -10.39 17.10
CA LEU B 22 1.52 -9.47 16.03
C LEU B 22 2.73 -9.18 15.19
N PRO B 23 2.54 -9.02 13.88
CA PRO B 23 3.69 -8.69 13.04
C PRO B 23 4.25 -7.32 13.40
N LYS B 24 5.53 -7.12 13.13
CA LYS B 24 6.22 -5.90 13.52
C LYS B 24 5.48 -4.65 13.01
N TYR B 25 5.02 -4.67 11.76
CA TYR B 25 4.39 -3.45 11.21
C TYR B 25 3.13 -3.14 12.01
N ALA B 26 2.47 -4.16 12.52
CA ALA B 26 1.24 -3.98 13.28
C ALA B 26 1.51 -3.43 14.68
N GLN B 27 2.62 -3.84 15.29
CA GLN B 27 3.03 -3.27 16.57
C GLN B 27 3.42 -1.79 16.38
N VAL B 28 4.09 -1.49 15.28
CA VAL B 28 4.42 -0.09 15.00
C VAL B 28 3.14 0.71 14.84
N LYS B 29 2.22 0.15 14.05
CA LYS B 29 0.91 0.77 13.85
C LYS B 29 0.22 1.07 15.17
N GLU B 30 0.16 0.07 16.04
CA GLU B 30 -0.42 0.24 17.37
C GLU B 30 0.24 1.39 18.13
N GLU B 31 1.57 1.41 18.19
CA GLU B 31 2.25 2.49 18.92
C GLU B 31 1.93 3.89 18.36
N ILE B 32 2.05 4.06 17.04
CA ILE B 32 1.81 5.39 16.48
C ILE B 32 0.36 5.80 16.73
N SER B 33 -0.52 4.82 16.55
CA SER B 33 -1.94 5.05 16.78
C SER B 33 -2.13 5.51 18.22
N SER B 34 -1.38 4.91 19.14
CA SER B 34 -1.55 5.21 20.56
C SER B 34 -1.09 6.63 20.82
N TRP B 35 -0.01 7.04 20.15
CA TRP B 35 0.41 8.44 20.22
C TRP B 35 -0.73 9.37 19.81
N ILE B 36 -1.39 9.04 18.70
CA ILE B 36 -2.47 9.89 18.20
C ILE B 36 -3.66 9.94 19.15
N ASN B 37 -4.08 8.75 19.57
CA ASN B 37 -5.26 8.56 20.41
C ASN B 37 -5.11 9.21 21.77
N GLN B 38 -3.89 9.23 22.30
CA GLN B 38 -3.66 9.81 23.62
C GLN B 38 -3.36 11.30 23.49
N GLY B 39 -3.48 11.82 22.27
CA GLY B 39 -3.33 13.24 22.03
C GLY B 39 -1.92 13.74 22.24
N LYS B 40 -0.94 12.83 22.15
CA LYS B 40 0.45 13.22 22.23
C LYS B 40 0.91 13.88 20.93
N ILE B 41 0.26 13.51 19.83
CA ILE B 41 0.46 14.20 18.55
C ILE B 41 -0.89 14.71 18.06
N LEU B 42 -0.99 16.02 17.81
CA LEU B 42 -2.26 16.65 17.47
C LEU B 42 -2.43 16.88 15.98
N PRO B 43 -3.68 17.08 15.51
CA PRO B 43 -3.93 17.25 14.08
C PRO B 43 -3.00 18.28 13.44
N ASP B 44 -2.41 17.88 12.31
CA ASP B 44 -1.49 18.69 11.51
C ASP B 44 -0.11 18.82 12.18
N GLN B 45 0.12 18.07 13.25
CA GLN B 45 1.46 18.00 13.80
C GLN B 45 2.19 16.81 13.21
N LYS B 46 3.49 16.97 13.01
CA LYS B 46 4.32 15.97 12.37
C LYS B 46 4.65 14.82 13.33
N ILE B 47 4.53 13.58 12.87
CA ILE B 47 5.07 12.43 13.58
C ILE B 47 6.57 12.35 13.27
N PRO B 48 7.33 11.48 13.97
CA PRO B 48 8.77 11.43 13.65
C PRO B 48 9.04 10.96 12.21
N THR B 49 10.24 11.25 11.71
CA THR B 49 10.61 10.85 10.35
C THR B 49 10.70 9.34 10.24
N GLU B 50 10.77 8.83 9.00
CA GLU B 50 10.91 7.40 8.81
C GLU B 50 12.19 6.91 9.41
N ASN B 51 13.26 7.71 9.31
CA ASN B 51 14.56 7.36 9.89
C ASN B 51 14.49 7.22 11.42
N GLU B 52 13.78 8.18 12.03
CA GLU B 52 13.58 8.22 13.46
C GLU B 52 12.77 7.00 13.93
N LEU B 53 11.71 6.68 13.21
CA LEU B 53 10.90 5.51 13.53
C LEU B 53 11.71 4.23 13.38
N MET B 54 12.47 4.13 12.29
CA MET B 54 13.36 2.99 12.06
C MET B 54 14.27 2.78 13.25
N GLN B 55 14.88 3.87 13.71
CA GLN B 55 15.78 3.79 14.86
C GLN B 55 15.05 3.45 16.16
N GLN B 56 13.88 4.06 16.37
CA GLN B 56 13.15 3.92 17.62
C GLN B 56 12.65 2.49 17.77
N PHE B 57 12.19 1.89 16.68
CA PHE B 57 11.63 0.53 16.74
C PHE B 57 12.61 -0.57 16.38
N GLY B 58 13.75 -0.19 15.80
CA GLY B 58 14.72 -1.18 15.36
C GLY B 58 14.19 -2.04 14.23
N VAL B 59 13.54 -1.43 13.24
CA VAL B 59 13.06 -2.20 12.09
C VAL B 59 13.40 -1.50 10.77
N SER B 60 13.08 -2.15 9.66
CA SER B 60 13.48 -1.63 8.36
C SER B 60 12.59 -0.46 7.94
N ARG B 61 13.07 0.30 6.97
CA ARG B 61 12.26 1.36 6.40
C ARG B 61 10.97 0.79 5.77
N HIS B 62 11.06 -0.38 5.14
N HIS B 62 11.07 -0.38 5.14
CA HIS B 62 9.86 -0.97 4.55
CA HIS B 62 9.91 -1.05 4.56
C HIS B 62 8.77 -1.21 5.59
C HIS B 62 8.79 -1.21 5.59
N THR B 63 9.16 -1.68 6.77
CA THR B 63 8.18 -1.98 7.81
C THR B 63 7.50 -0.71 8.29
N ILE B 64 8.29 0.34 8.44
CA ILE B 64 7.78 1.66 8.80
C ILE B 64 6.78 2.13 7.75
N ARG B 65 7.16 2.00 6.48
CA ARG B 65 6.29 2.49 5.43
C ARG B 65 5.03 1.64 5.35
N LYS B 66 5.12 0.38 5.72
CA LYS B 66 3.91 -0.46 5.72
C LYS B 66 2.97 0.09 6.79
N ALA B 67 3.52 0.31 7.98
CA ALA B 67 2.71 0.85 9.09
C ALA B 67 2.03 2.16 8.72
N ILE B 68 2.86 3.10 8.29
CA ILE B 68 2.37 4.43 8.01
C ILE B 68 1.39 4.39 6.84
N GLY B 69 1.70 3.62 5.82
CA GLY B 69 0.81 3.49 4.67
C GLY B 69 -0.56 2.98 5.07
N ASP B 70 -0.58 2.03 5.99
CA ASP B 70 -1.86 1.53 6.47
C ASP B 70 -2.61 2.63 7.21
N LEU B 71 -1.89 3.37 8.05
CA LEU B 71 -2.54 4.43 8.85
C LEU B 71 -3.05 5.62 8.00
N VAL B 72 -2.36 5.89 6.89
CA VAL B 72 -2.80 6.92 5.95
C VAL B 72 -4.04 6.40 5.24
N SER B 73 -3.97 5.16 4.75
CA SER B 73 -5.09 4.55 4.06
C SER B 73 -6.31 4.51 4.97
N GLN B 74 -6.04 4.43 6.27
CA GLN B 74 -7.09 4.39 7.29
C GLN B 74 -7.60 5.81 7.63
N GLY B 75 -6.87 6.83 7.19
CA GLY B 75 -7.27 8.20 7.43
C GLY B 75 -6.72 8.81 8.71
N LEU B 76 -5.87 8.08 9.41
CA LEU B 76 -5.33 8.60 10.67
C LEU B 76 -4.23 9.62 10.43
N LEU B 77 -3.46 9.40 9.36
CA LEU B 77 -2.34 10.26 9.01
C LEU B 77 -2.45 10.76 7.58
N TYR B 78 -1.67 11.78 7.24
CA TYR B 78 -1.40 12.09 5.83
C TYR B 78 0.07 12.44 5.66
N SER B 79 0.58 12.30 4.44
CA SER B 79 1.98 12.52 4.15
C SER B 79 2.17 13.59 3.09
N VAL B 80 3.29 14.29 3.19
CA VAL B 80 3.76 15.22 2.19
C VAL B 80 5.19 14.83 1.84
N GLN B 81 5.41 14.44 0.59
CA GLN B 81 6.72 14.05 0.11
C GLN B 81 7.72 15.17 0.36
N GLY B 82 8.80 14.86 1.08
CA GLY B 82 9.81 15.85 1.39
C GLY B 82 9.44 16.74 2.56
N GLY B 83 8.20 16.65 3.02
CA GLY B 83 7.74 17.42 4.15
C GLY B 83 7.70 16.60 5.43
N GLY B 84 6.90 15.54 5.44
CA GLY B 84 6.73 14.75 6.64
C GLY B 84 5.42 14.00 6.63
N THR B 85 5.09 13.38 7.76
CA THR B 85 3.83 12.69 7.93
C THR B 85 3.16 13.22 9.18
N PHE B 86 1.86 13.45 9.11
CA PHE B 86 1.14 14.26 10.08
C PHE B 86 -0.13 13.58 10.56
N VAL B 87 -0.57 13.93 11.78
CA VAL B 87 -1.90 13.52 12.25
C VAL B 87 -2.96 14.16 11.39
N ALA B 88 -3.90 13.36 10.89
CA ALA B 88 -4.97 13.95 10.09
C ALA B 88 -5.93 14.69 11.00
#